data_1RC6
#
_entry.id   1RC6
#
_cell.length_a   109.026
_cell.length_b   109.026
_cell.length_c   136.612
_cell.angle_alpha   90.0
_cell.angle_beta   90.0
_cell.angle_gamma   90.0
#
_symmetry.space_group_name_H-M   'I 4'
#
_entity_poly.entity_id   1
_entity_poly.type   'polypeptide(L)'
_entity_poly.pdbx_seq_one_letter_code
;MGYLNNVTGYREDLLANRAIVKHGNFALLTPDGLVKNIIPGFENCDATILSTPKLGASFVDYLVTLHQNGGNQQGFGGEG
IETFLYVISGNITAKAEGKTFALSEGGYLYCPPGSLMTFVNAQAEDSQIFLYKRRYVPVEGYAPWLVSGNASELERIHYE
GMDDVILLDFLPKELGFDMNMHILSFAPGASHGYIETHVQEHGAYILSGQGVYNLDNNWIPVKKGDYIFMGAYSLQAGYG
VGRGEAFSYIYSKDCNRDVEI
;
_entity_poly.pdbx_strand_id   A,B
#
# COMPACT_ATOMS: atom_id res chain seq x y z
N GLY A 9 7.41 15.16 1.36
CA GLY A 9 6.36 15.38 2.41
C GLY A 9 6.22 14.26 3.43
N TYR A 10 5.49 14.52 4.51
CA TYR A 10 5.28 13.52 5.56
C TYR A 10 4.30 12.44 5.09
N ARG A 11 4.73 11.19 5.21
CA ARG A 11 3.93 10.01 4.83
C ARG A 11 2.51 10.09 5.37
N GLU A 12 2.36 10.80 6.49
CA GLU A 12 1.09 10.98 7.20
C GLU A 12 0.09 11.89 6.49
N ASP A 13 0.57 13.02 5.99
CA ASP A 13 -0.28 13.98 5.29
C ASP A 13 -0.84 13.32 4.04
N LEU A 14 -0.07 12.37 3.49
CA LEU A 14 -0.47 11.66 2.29
C LEU A 14 -1.71 10.82 2.61
N LEU A 15 -1.65 10.10 3.72
CA LEU A 15 -2.73 9.24 4.15
C LEU A 15 -3.88 9.99 4.83
N ALA A 16 -3.80 11.32 4.85
CA ALA A 16 -4.86 12.14 5.46
C ALA A 16 -6.11 12.19 4.59
N ASN A 17 -7.27 12.03 5.22
CA ASN A 17 -8.56 12.06 4.53
C ASN A 17 -8.84 10.83 3.66
N ARG A 18 -9.16 9.70 4.29
CA ARG A 18 -9.45 8.50 3.53
C ARG A 18 -10.87 7.99 3.82
N ALA A 19 -11.51 8.59 4.83
CA ALA A 19 -12.87 8.23 5.22
C ALA A 19 -13.85 8.27 4.05
N ILE A 20 -14.13 7.10 3.48
CA ILE A 20 -15.06 6.99 2.36
C ILE A 20 -16.27 6.15 2.75
N VAL A 21 -17.39 6.38 2.09
CA VAL A 21 -18.62 5.65 2.38
C VAL A 21 -19.38 5.22 1.12
N LYS A 22 -20.02 4.06 1.19
CA LYS A 22 -20.82 3.52 0.09
C LYS A 22 -22.02 2.76 0.64
N HIS A 23 -22.66 3.34 1.65
CA HIS A 23 -23.84 2.79 2.33
C HIS A 23 -24.33 1.44 1.82
N GLY A 24 -24.38 0.46 2.71
CA GLY A 24 -24.84 -0.86 2.35
C GLY A 24 -23.76 -1.69 1.67
N ASN A 25 -22.74 -1.01 1.13
CA ASN A 25 -21.66 -1.70 0.47
C ASN A 25 -20.43 -1.72 1.35
N PHE A 26 -19.90 -0.56 1.66
CA PHE A 26 -18.75 -0.50 2.52
C PHE A 26 -18.49 0.92 2.98
N ALA A 27 -17.63 1.06 3.98
CA ALA A 27 -17.28 2.36 4.52
C ALA A 27 -15.94 2.26 5.22
N LEU A 28 -15.07 3.23 4.98
CA LEU A 28 -13.78 3.25 5.62
C LEU A 28 -13.88 4.42 6.58
N LEU A 29 -13.72 4.14 7.86
CA LEU A 29 -13.82 5.17 8.88
C LEU A 29 -12.51 5.27 9.63
N THR A 30 -12.16 6.47 10.03
CA THR A 30 -10.94 6.71 10.77
C THR A 30 -11.32 7.35 12.09
N PRO A 31 -11.83 6.54 13.05
CA PRO A 31 -12.26 6.98 14.39
C PRO A 31 -11.52 8.17 14.98
N ASP A 32 -10.28 8.36 14.55
CA ASP A 32 -9.49 9.49 15.01
C ASP A 32 -10.22 10.74 14.55
N GLY A 33 -10.30 10.90 13.23
CA GLY A 33 -10.98 12.05 12.65
C GLY A 33 -12.48 11.98 12.80
N LEU A 34 -12.94 11.68 14.00
CA LEU A 34 -14.37 11.60 14.27
C LEU A 34 -14.72 12.27 15.58
N VAL A 35 -15.91 12.85 15.63
CA VAL A 35 -16.36 13.53 16.82
C VAL A 35 -16.73 12.43 17.81
N LYS A 36 -16.47 12.66 19.08
CA LYS A 36 -16.79 11.67 20.10
C LYS A 36 -18.29 11.62 20.38
N ASN A 37 -18.76 10.47 20.84
CA ASN A 37 -20.16 10.27 21.16
C ASN A 37 -20.38 10.26 22.66
N ILE A 38 -21.34 11.04 23.13
CA ILE A 38 -21.65 11.09 24.55
C ILE A 38 -22.71 10.02 24.75
N ILE A 39 -22.33 8.89 25.33
CA ILE A 39 -23.28 7.81 25.55
C ILE A 39 -23.55 7.63 27.04
N PRO A 40 -24.82 7.77 27.46
CA PRO A 40 -25.12 7.58 28.88
C PRO A 40 -24.56 6.26 29.43
N GLY A 41 -23.97 6.33 30.61
CA GLY A 41 -23.38 5.16 31.22
C GLY A 41 -21.87 5.14 31.04
N PHE A 42 -21.36 5.83 30.03
CA PHE A 42 -19.92 5.83 29.83
C PHE A 42 -19.31 7.05 30.52
N GLU A 43 -18.46 6.79 31.51
CA GLU A 43 -17.81 7.86 32.28
C GLU A 43 -16.32 7.89 32.05
N ASN A 44 -15.76 9.09 32.10
CA ASN A 44 -14.33 9.30 31.94
C ASN A 44 -13.66 8.50 30.81
N CYS A 45 -14.21 8.63 29.61
CA CYS A 45 -13.67 7.92 28.44
C CYS A 45 -14.27 8.51 27.18
N ASP A 46 -13.55 8.38 26.07
CA ASP A 46 -14.04 8.87 24.79
C ASP A 46 -14.66 7.71 24.01
N ALA A 47 -15.96 7.78 23.76
CA ALA A 47 -16.61 6.70 23.01
C ALA A 47 -16.94 7.18 21.61
N THR A 48 -16.62 6.35 20.64
CA THR A 48 -16.92 6.70 19.28
C THR A 48 -17.61 5.55 18.58
N ILE A 49 -18.88 5.76 18.29
CA ILE A 49 -19.72 4.78 17.60
C ILE A 49 -19.23 4.57 16.15
N LEU A 50 -19.21 3.32 15.70
CA LEU A 50 -18.76 2.99 14.36
C LEU A 50 -19.91 2.51 13.48
N SER A 51 -20.03 1.22 13.26
CA SER A 51 -21.14 0.73 12.45
C SER A 51 -22.47 0.84 13.21
N THR A 52 -23.55 1.08 12.48
CA THR A 52 -24.90 1.18 13.05
C THR A 52 -25.85 0.79 11.93
N PRO A 53 -27.11 0.48 12.26
CA PRO A 53 -28.07 0.09 11.23
C PRO A 53 -28.20 1.17 10.16
N LYS A 54 -28.05 2.43 10.57
CA LYS A 54 -28.18 3.54 9.65
C LYS A 54 -27.09 3.46 8.59
N LEU A 55 -26.10 2.61 8.83
CA LEU A 55 -25.02 2.43 7.88
C LEU A 55 -25.31 1.14 7.12
N GLY A 56 -26.32 0.41 7.58
CA GLY A 56 -26.67 -0.83 6.94
C GLY A 56 -26.36 -2.06 7.79
N ALA A 57 -25.54 -1.89 8.80
CA ALA A 57 -25.15 -3.00 9.67
C ALA A 57 -26.31 -3.47 10.53
N SER A 58 -26.23 -4.74 10.93
CA SER A 58 -27.27 -5.33 11.76
C SER A 58 -26.67 -5.47 13.15
N PHE A 59 -25.79 -4.55 13.49
CA PHE A 59 -25.13 -4.51 14.78
C PHE A 59 -24.64 -3.09 15.02
N VAL A 60 -24.12 -2.83 16.21
CA VAL A 60 -23.57 -1.53 16.52
C VAL A 60 -22.26 -1.83 17.18
N ASP A 61 -21.17 -1.25 16.72
CA ASP A 61 -19.90 -1.50 17.38
C ASP A 61 -19.24 -0.19 17.77
N TYR A 62 -18.29 -0.25 18.70
CA TYR A 62 -17.66 0.96 19.20
C TYR A 62 -16.17 0.84 19.42
N LEU A 63 -15.55 2.00 19.55
CA LEU A 63 -14.14 2.09 19.85
C LEU A 63 -14.18 3.01 21.07
N VAL A 64 -13.60 2.57 22.18
CA VAL A 64 -13.65 3.39 23.37
C VAL A 64 -12.32 3.44 24.09
N THR A 65 -11.78 4.65 24.26
CA THR A 65 -10.53 4.76 24.99
C THR A 65 -10.92 5.16 26.42
N LEU A 66 -10.50 4.34 27.37
CA LEU A 66 -10.80 4.56 28.77
C LEU A 66 -9.74 5.36 29.48
N HIS A 67 -10.16 6.44 30.10
CA HIS A 67 -9.24 7.26 30.86
C HIS A 67 -9.26 6.70 32.29
N GLN A 68 -8.66 7.40 33.24
CA GLN A 68 -8.66 6.90 34.61
C GLN A 68 -10.09 6.76 35.11
N ASN A 69 -10.45 5.53 35.50
CA ASN A 69 -11.79 5.22 35.97
C ASN A 69 -12.81 5.27 34.87
N GLY A 70 -12.32 5.23 33.64
CA GLY A 70 -13.22 5.27 32.50
C GLY A 70 -13.79 3.88 32.26
N GLY A 71 -15.04 3.82 31.87
CA GLY A 71 -15.68 2.55 31.62
C GLY A 71 -17.17 2.73 31.77
N ASN A 72 -17.86 1.62 32.01
CA ASN A 72 -19.29 1.66 32.19
C ASN A 72 -19.65 0.77 33.36
N GLN A 73 -20.08 1.41 34.43
CA GLN A 73 -20.44 0.71 35.64
C GLN A 73 -21.93 0.46 35.68
N GLN A 74 -22.65 1.02 34.72
CA GLN A 74 -24.08 0.88 34.66
C GLN A 74 -24.55 -0.43 34.06
N GLY A 75 -23.76 -1.01 33.17
CA GLY A 75 -24.19 -2.25 32.54
C GLY A 75 -24.41 -1.99 31.06
N PHE A 76 -23.56 -2.57 30.23
CA PHE A 76 -23.64 -2.38 28.79
C PHE A 76 -24.72 -3.12 28.03
N GLY A 77 -24.84 -4.43 28.22
CA GLY A 77 -25.85 -5.18 27.47
C GLY A 77 -27.28 -4.66 27.28
N GLY A 78 -28.25 -5.57 27.46
CA GLY A 78 -29.65 -5.24 27.29
C GLY A 78 -30.42 -6.51 26.99
N GLU A 79 -31.74 -6.50 27.17
CA GLU A 79 -32.55 -7.69 26.90
C GLU A 79 -32.49 -8.15 25.45
N GLY A 80 -32.24 -9.44 25.25
CA GLY A 80 -32.16 -9.99 23.90
C GLY A 80 -30.96 -9.46 23.13
N ILE A 81 -30.03 -8.82 23.83
CA ILE A 81 -28.86 -8.24 23.22
C ILE A 81 -27.59 -8.94 23.68
N GLU A 82 -26.79 -9.41 22.73
CA GLU A 82 -25.52 -10.07 23.08
C GLU A 82 -24.39 -9.05 22.84
N THR A 83 -23.32 -9.13 23.63
CA THR A 83 -22.22 -8.18 23.49
C THR A 83 -20.87 -8.84 23.47
N PHE A 84 -19.88 -8.08 23.03
CA PHE A 84 -18.50 -8.58 22.95
C PHE A 84 -17.53 -7.44 23.16
N LEU A 85 -16.53 -7.66 24.01
CA LEU A 85 -15.54 -6.64 24.29
C LEU A 85 -14.14 -7.18 24.01
N TYR A 86 -13.27 -6.33 23.46
CA TYR A 86 -11.91 -6.73 23.16
C TYR A 86 -10.94 -5.64 23.59
N VAL A 87 -9.98 -6.01 24.43
CA VAL A 87 -9.00 -5.06 24.92
C VAL A 87 -7.93 -4.86 23.86
N ILE A 88 -7.99 -3.71 23.21
CA ILE A 88 -7.02 -3.37 22.18
C ILE A 88 -5.66 -3.14 22.84
N SER A 89 -5.67 -2.55 24.03
CA SER A 89 -4.44 -2.27 24.75
C SER A 89 -4.74 -1.80 26.17
N GLY A 90 -3.80 -2.03 27.08
CA GLY A 90 -3.99 -1.61 28.45
C GLY A 90 -4.53 -2.72 29.31
N ASN A 91 -5.21 -2.35 30.38
CA ASN A 91 -5.77 -3.32 31.31
C ASN A 91 -7.04 -2.81 31.88
N ILE A 92 -8.07 -3.65 31.84
CA ILE A 92 -9.37 -3.28 32.36
C ILE A 92 -9.91 -4.37 33.26
N THR A 93 -11.03 -4.09 33.91
CA THR A 93 -11.67 -5.02 34.80
C THR A 93 -13.12 -5.11 34.37
N ALA A 94 -13.48 -6.24 33.79
CA ALA A 94 -14.84 -6.42 33.32
C ALA A 94 -15.61 -7.25 34.32
N LYS A 95 -16.93 -7.10 34.29
CA LYS A 95 -17.79 -7.85 35.17
C LYS A 95 -19.08 -8.25 34.49
N ALA A 96 -19.46 -9.50 34.66
CA ALA A 96 -20.69 -10.05 34.08
C ALA A 96 -21.03 -11.39 34.74
N GLU A 97 -22.32 -11.71 34.78
CA GLU A 97 -22.80 -12.93 35.36
C GLU A 97 -22.11 -13.23 36.70
N GLY A 98 -22.03 -12.20 37.55
CA GLY A 98 -21.43 -12.35 38.85
C GLY A 98 -19.94 -12.60 38.91
N LYS A 99 -19.28 -12.75 37.77
CA LYS A 99 -17.83 -12.99 37.82
C LYS A 99 -17.06 -11.73 37.54
N THR A 100 -15.74 -11.81 37.65
CA THR A 100 -14.85 -10.68 37.40
C THR A 100 -13.71 -11.13 36.50
N PHE A 101 -13.32 -10.30 35.55
CA PHE A 101 -12.24 -10.66 34.65
C PHE A 101 -11.20 -9.55 34.55
N ALA A 102 -9.94 -9.91 34.72
CA ALA A 102 -8.86 -8.94 34.63
C ALA A 102 -8.34 -9.10 33.21
N LEU A 103 -8.78 -8.22 32.33
CA LEU A 103 -8.38 -8.29 30.94
C LEU A 103 -7.20 -7.40 30.58
N SER A 104 -6.21 -7.99 29.94
CA SER A 104 -5.03 -7.27 29.49
C SER A 104 -5.13 -7.24 27.98
N GLU A 105 -4.12 -6.70 27.30
CA GLU A 105 -4.18 -6.65 25.86
C GLU A 105 -4.58 -8.02 25.30
N GLY A 106 -5.45 -8.02 24.31
CA GLY A 106 -5.87 -9.28 23.72
C GLY A 106 -6.96 -9.95 24.55
N GLY A 107 -7.23 -9.43 25.74
CA GLY A 107 -8.27 -10.02 26.57
C GLY A 107 -9.62 -9.75 25.96
N TYR A 108 -10.54 -10.72 26.02
CA TYR A 108 -11.86 -10.53 25.47
C TYR A 108 -12.94 -11.09 26.36
N LEU A 109 -14.16 -10.60 26.16
CA LEU A 109 -15.30 -11.05 26.93
C LEU A 109 -16.60 -11.01 26.11
N TYR A 110 -17.24 -12.16 25.99
CA TYR A 110 -18.52 -12.26 25.30
C TYR A 110 -19.62 -12.50 26.33
N CYS A 111 -20.76 -11.85 26.14
CA CYS A 111 -21.89 -12.02 27.04
C CYS A 111 -23.15 -12.41 26.28
N PRO A 112 -23.79 -13.51 26.67
CA PRO A 112 -25.02 -13.93 25.99
C PRO A 112 -26.06 -12.88 26.28
N PRO A 113 -27.22 -12.95 25.60
CA PRO A 113 -28.32 -12.00 25.78
C PRO A 113 -28.72 -11.86 27.23
N GLY A 114 -28.98 -10.62 27.66
CA GLY A 114 -29.40 -10.37 29.01
C GLY A 114 -28.32 -10.12 30.04
N SER A 115 -27.19 -10.83 29.94
CA SER A 115 -26.13 -10.64 30.90
C SER A 115 -25.37 -9.33 30.72
N LEU A 116 -25.89 -8.27 31.32
CA LEU A 116 -25.26 -6.97 31.28
C LEU A 116 -23.78 -7.08 31.62
N MET A 117 -22.98 -6.23 31.00
CA MET A 117 -21.54 -6.22 31.21
C MET A 117 -21.11 -4.85 31.75
N THR A 118 -20.13 -4.85 32.64
CA THR A 118 -19.62 -3.59 33.17
C THR A 118 -18.12 -3.69 33.03
N PHE A 119 -17.46 -2.56 32.92
CA PHE A 119 -16.02 -2.57 32.76
C PHE A 119 -15.44 -1.24 33.11
N VAL A 120 -14.21 -1.25 33.58
CA VAL A 120 -13.54 -0.04 33.98
C VAL A 120 -12.07 -0.21 33.76
N ASN A 121 -11.42 0.92 33.51
CA ASN A 121 -10.00 0.93 33.30
C ASN A 121 -9.39 0.44 34.61
N ALA A 122 -8.42 -0.44 34.51
CA ALA A 122 -7.78 -1.01 35.69
C ALA A 122 -6.39 -0.45 35.91
N GLN A 123 -5.98 0.49 35.05
CA GLN A 123 -4.66 1.08 35.20
C GLN A 123 -4.70 2.59 35.20
N ALA A 124 -3.55 3.22 35.40
CA ALA A 124 -3.46 4.67 35.43
C ALA A 124 -3.57 5.28 34.05
N GLU A 125 -2.81 4.73 33.10
CA GLU A 125 -2.81 5.23 31.74
C GLU A 125 -4.09 4.77 31.05
N ASP A 126 -4.37 5.35 29.90
CA ASP A 126 -5.56 5.02 29.15
C ASP A 126 -5.56 3.59 28.63
N SER A 127 -6.71 2.94 28.74
CA SER A 127 -6.86 1.58 28.25
C SER A 127 -7.87 1.70 27.11
N GLN A 128 -7.54 1.09 25.97
CA GLN A 128 -8.42 1.18 24.81
C GLN A 128 -9.22 -0.10 24.56
N ILE A 129 -10.52 0.08 24.32
CA ILE A 129 -11.41 -1.05 24.11
C ILE A 129 -12.22 -1.03 22.80
N PHE A 130 -12.59 -2.22 22.32
CA PHE A 130 -13.40 -2.35 21.12
C PHE A 130 -14.71 -3.02 21.58
N LEU A 131 -15.84 -2.38 21.32
CA LEU A 131 -17.14 -2.90 21.75
C LEU A 131 -18.03 -3.27 20.60
N TYR A 132 -18.90 -4.25 20.84
CA TYR A 132 -19.80 -4.73 19.82
C TYR A 132 -21.07 -5.30 20.43
N LYS A 133 -22.20 -5.05 19.77
CA LYS A 133 -23.46 -5.57 20.25
C LYS A 133 -24.39 -5.81 19.08
N ARG A 134 -25.28 -6.79 19.23
CA ARG A 134 -26.27 -7.10 18.19
C ARG A 134 -27.45 -7.78 18.87
N ARG A 135 -28.57 -7.88 18.16
CA ARG A 135 -29.73 -8.52 18.71
C ARG A 135 -29.62 -10.02 18.42
N TYR A 136 -29.47 -10.80 19.49
CA TYR A 136 -29.34 -12.24 19.37
C TYR A 136 -30.54 -12.98 18.77
N VAL A 137 -30.24 -14.00 17.95
CA VAL A 137 -31.31 -14.77 17.34
C VAL A 137 -31.35 -16.20 17.87
N PRO A 138 -32.35 -16.49 18.71
CA PRO A 138 -32.52 -17.81 19.31
C PRO A 138 -32.98 -18.85 18.32
N VAL A 139 -32.60 -20.08 18.60
CA VAL A 139 -32.96 -21.22 17.78
C VAL A 139 -33.37 -22.36 18.72
N GLU A 140 -34.37 -23.15 18.33
CA GLU A 140 -34.86 -24.25 19.15
C GLU A 140 -33.76 -25.23 19.58
N GLY A 141 -33.68 -25.47 20.88
CA GLY A 141 -32.70 -26.40 21.41
C GLY A 141 -31.27 -25.92 21.52
N TYR A 142 -31.07 -24.61 21.65
CA TYR A 142 -29.73 -24.06 21.78
C TYR A 142 -29.72 -22.75 22.53
N ALA A 143 -28.53 -22.41 23.03
CA ALA A 143 -28.34 -21.17 23.77
C ALA A 143 -26.85 -20.90 23.89
N PRO A 144 -26.44 -19.62 23.80
CA PRO A 144 -25.02 -19.27 23.90
C PRO A 144 -24.64 -19.13 25.37
N TRP A 145 -23.39 -18.77 25.62
CA TRP A 145 -22.94 -18.59 26.99
C TRP A 145 -21.71 -17.71 27.11
N LEU A 146 -21.51 -17.16 28.30
CA LEU A 146 -20.39 -16.28 28.59
C LEU A 146 -19.09 -16.94 28.20
N VAL A 147 -18.25 -16.20 27.49
CA VAL A 147 -16.94 -16.70 27.09
C VAL A 147 -15.95 -15.58 27.34
N SER A 148 -14.79 -15.92 27.88
CA SER A 148 -13.77 -14.91 28.16
C SER A 148 -12.37 -15.53 28.10
N GLY A 149 -11.38 -14.73 27.74
CA GLY A 149 -10.02 -15.25 27.66
C GLY A 149 -9.10 -14.21 27.02
N ASN A 150 -7.97 -14.67 26.50
CA ASN A 150 -7.05 -13.75 25.85
C ASN A 150 -6.73 -14.33 24.49
N ALA A 151 -6.46 -13.47 23.52
CA ALA A 151 -6.16 -13.94 22.18
C ALA A 151 -4.95 -14.86 22.26
N SER A 152 -3.98 -14.46 23.06
CA SER A 152 -2.77 -15.25 23.24
C SER A 152 -3.09 -16.75 23.40
N GLU A 153 -4.02 -17.07 24.29
CA GLU A 153 -4.41 -18.46 24.54
C GLU A 153 -5.35 -19.08 23.50
N LEU A 154 -5.50 -18.44 22.35
CA LEU A 154 -6.39 -18.98 21.32
C LEU A 154 -5.63 -19.85 20.33
N GLU A 155 -6.34 -20.75 19.68
CA GLU A 155 -5.73 -21.63 18.68
C GLU A 155 -5.01 -20.71 17.70
N ARG A 156 -4.21 -21.29 16.81
CA ARG A 156 -3.46 -20.47 15.87
C ARG A 156 -3.69 -20.90 14.42
N ILE A 157 -4.93 -21.16 14.05
CA ILE A 157 -5.24 -21.56 12.68
C ILE A 157 -4.43 -20.71 11.70
N VAL A 165 0.21 -15.72 7.77
CA VAL A 165 -1.23 -15.77 7.96
C VAL A 165 -1.61 -16.58 9.21
N ILE A 166 -2.59 -16.09 9.95
CA ILE A 166 -3.06 -16.76 11.15
C ILE A 166 -4.50 -16.34 11.39
N LEU A 167 -5.41 -17.31 11.44
CA LEU A 167 -6.80 -16.99 11.71
C LEU A 167 -7.09 -17.33 13.17
N LEU A 168 -7.87 -16.50 13.83
CA LEU A 168 -8.27 -16.77 15.20
C LEU A 168 -9.79 -16.76 15.30
N ASP A 169 -10.33 -17.74 16.01
CA ASP A 169 -11.77 -17.81 16.22
C ASP A 169 -11.98 -17.57 17.72
N PHE A 170 -12.70 -16.50 18.04
CA PHE A 170 -12.95 -16.10 19.41
C PHE A 170 -14.06 -16.82 20.13
N LEU A 171 -15.07 -17.27 19.39
CA LEU A 171 -16.22 -17.91 20.00
C LEU A 171 -16.47 -19.33 19.53
N PRO A 172 -17.30 -20.06 20.29
CA PRO A 172 -17.61 -21.45 19.92
C PRO A 172 -18.39 -21.45 18.59
N LYS A 173 -18.27 -22.51 17.81
CA LYS A 173 -18.96 -22.62 16.54
C LYS A 173 -20.38 -23.17 16.65
N GLU A 174 -20.73 -23.72 17.81
CA GLU A 174 -22.06 -24.29 18.04
C GLU A 174 -23.21 -23.35 17.69
N LEU A 175 -24.29 -23.92 17.17
CA LEU A 175 -25.46 -23.15 16.78
C LEU A 175 -25.97 -22.28 17.91
N GLY A 176 -25.52 -22.55 19.13
CA GLY A 176 -25.95 -21.76 20.26
C GLY A 176 -25.55 -20.33 19.96
N PHE A 177 -24.43 -20.21 19.26
CA PHE A 177 -23.90 -18.90 18.87
C PHE A 177 -24.38 -18.52 17.47
N ASP A 178 -24.77 -17.26 17.32
CA ASP A 178 -25.24 -16.76 16.05
C ASP A 178 -24.25 -15.71 15.49
N MET A 179 -23.02 -15.74 16.00
CA MET A 179 -22.00 -14.81 15.53
C MET A 179 -20.64 -15.28 15.95
N ASN A 180 -19.61 -14.56 15.53
CA ASN A 180 -18.26 -14.89 15.90
C ASN A 180 -17.35 -13.71 15.62
N MET A 181 -16.24 -13.61 16.35
CA MET A 181 -15.29 -12.54 16.17
C MET A 181 -13.99 -13.21 15.72
N HIS A 182 -13.28 -12.60 14.78
CA HIS A 182 -12.04 -13.19 14.31
C HIS A 182 -10.93 -12.14 14.23
N ILE A 183 -9.69 -12.61 14.26
CA ILE A 183 -8.54 -11.74 14.13
C ILE A 183 -7.67 -12.36 13.05
N LEU A 184 -7.30 -11.57 12.05
CA LEU A 184 -6.43 -12.03 10.97
C LEU A 184 -5.09 -11.33 11.10
N SER A 185 -4.00 -12.09 10.97
CA SER A 185 -2.66 -11.51 11.09
C SER A 185 -1.83 -11.86 9.87
N PHE A 186 -0.99 -10.92 9.44
CA PHE A 186 -0.11 -11.11 8.28
C PHE A 186 1.30 -10.66 8.60
N ALA A 187 2.22 -11.62 8.71
CA ALA A 187 3.61 -11.30 9.00
C ALA A 187 4.15 -10.49 7.81
N PRO A 188 5.17 -9.65 8.06
CA PRO A 188 5.76 -8.84 6.99
C PRO A 188 6.08 -9.58 5.69
N GLY A 189 7.05 -10.49 5.74
CA GLY A 189 7.43 -11.23 4.54
C GLY A 189 6.37 -12.13 3.96
N ALA A 190 5.12 -11.92 4.39
CA ALA A 190 4.00 -12.74 3.93
C ALA A 190 3.79 -12.72 2.41
N SER A 191 3.30 -13.83 1.89
CA SER A 191 3.05 -13.95 0.46
C SER A 191 1.56 -14.26 0.25
N HIS A 192 0.80 -14.15 1.33
CA HIS A 192 -0.64 -14.38 1.30
C HIS A 192 -1.38 -13.08 1.57
N GLY A 193 -2.63 -13.02 1.10
CA GLY A 193 -3.45 -11.85 1.30
C GLY A 193 -4.88 -12.24 1.59
N TYR A 194 -5.69 -11.30 2.06
CA TYR A 194 -7.08 -11.57 2.39
C TYR A 194 -8.00 -11.23 1.21
N ILE A 195 -9.03 -12.05 1.03
CA ILE A 195 -10.03 -11.88 -0.02
C ILE A 195 -11.31 -12.62 0.41
N GLU A 196 -12.46 -12.16 -0.06
CA GLU A 196 -13.72 -12.82 0.29
C GLU A 196 -14.95 -12.10 -0.27
N THR A 197 -16.02 -12.88 -0.48
CA THR A 197 -17.30 -12.36 -0.97
C THR A 197 -18.30 -12.90 0.04
N HIS A 198 -19.35 -12.15 0.36
CA HIS A 198 -20.26 -12.64 1.38
C HIS A 198 -21.60 -11.93 1.52
N VAL A 199 -22.60 -12.70 1.95
CA VAL A 199 -23.94 -12.17 2.19
C VAL A 199 -23.89 -11.51 3.57
N GLN A 200 -22.97 -11.99 4.42
CA GLN A 200 -22.82 -11.47 5.76
C GLN A 200 -21.93 -10.23 5.83
N GLU A 201 -22.35 -9.27 6.65
CA GLU A 201 -21.62 -8.03 6.86
C GLU A 201 -20.35 -8.33 7.64
N HIS A 202 -19.50 -7.32 7.77
CA HIS A 202 -18.27 -7.44 8.52
C HIS A 202 -17.93 -6.08 9.08
N GLY A 203 -17.31 -6.07 10.25
CA GLY A 203 -16.90 -4.82 10.86
C GLY A 203 -15.47 -5.08 11.26
N ALA A 204 -14.51 -4.41 10.63
CA ALA A 204 -13.13 -4.67 10.99
C ALA A 204 -12.42 -3.44 11.51
N TYR A 205 -11.62 -3.65 12.55
CA TYR A 205 -10.83 -2.60 13.15
C TYR A 205 -9.40 -3.08 13.00
N ILE A 206 -8.57 -2.28 12.34
CA ILE A 206 -7.17 -2.64 12.13
C ILE A 206 -6.40 -2.52 13.43
N LEU A 207 -6.00 -3.66 13.97
CA LEU A 207 -5.28 -3.72 15.24
C LEU A 207 -3.83 -3.27 15.18
N SER A 208 -3.15 -3.60 14.08
CA SER A 208 -1.76 -3.22 13.96
C SER A 208 -1.24 -3.37 12.55
N GLY A 209 -0.05 -2.84 12.33
CA GLY A 209 0.58 -2.93 11.04
C GLY A 209 0.01 -1.95 10.05
N GLN A 210 0.17 -2.28 8.79
CA GLN A 210 -0.30 -1.43 7.71
C GLN A 210 -0.44 -2.32 6.49
N GLY A 211 -1.49 -2.10 5.73
CA GLY A 211 -1.69 -2.91 4.55
C GLY A 211 -2.51 -2.15 3.52
N VAL A 212 -2.97 -2.85 2.51
CA VAL A 212 -3.79 -2.25 1.48
C VAL A 212 -5.01 -3.12 1.24
N TYR A 213 -6.17 -2.48 1.24
CA TYR A 213 -7.43 -3.17 1.03
C TYR A 213 -8.00 -2.84 -0.32
N ASN A 214 -8.84 -3.71 -0.82
CA ASN A 214 -9.50 -3.52 -2.10
C ASN A 214 -10.98 -3.72 -1.87
N LEU A 215 -11.66 -2.64 -1.52
CA LEU A 215 -13.10 -2.69 -1.26
C LEU A 215 -13.90 -2.73 -2.55
N ASP A 216 -14.43 -1.58 -2.98
CA ASP A 216 -15.21 -1.54 -4.21
C ASP A 216 -14.30 -1.32 -5.40
N ASN A 217 -13.45 -2.32 -5.63
CA ASN A 217 -12.49 -2.31 -6.74
C ASN A 217 -11.44 -1.23 -6.65
N ASN A 218 -11.38 -0.53 -5.53
CA ASN A 218 -10.39 0.53 -5.39
C ASN A 218 -9.46 0.25 -4.22
N TRP A 219 -8.18 0.43 -4.46
CA TRP A 219 -7.20 0.19 -3.42
C TRP A 219 -7.17 1.35 -2.44
N ILE A 220 -7.16 1.02 -1.16
CA ILE A 220 -7.14 2.04 -0.12
C ILE A 220 -6.13 1.68 0.93
N PRO A 221 -5.11 2.53 1.12
CA PRO A 221 -4.17 2.15 2.17
C PRO A 221 -4.93 2.09 3.49
N VAL A 222 -4.67 1.03 4.26
CA VAL A 222 -5.33 0.84 5.53
C VAL A 222 -4.27 0.75 6.61
N LYS A 223 -4.60 1.16 7.82
CA LYS A 223 -3.61 1.09 8.87
C LYS A 223 -4.19 1.04 10.26
N LYS A 224 -3.32 0.71 11.21
CA LYS A 224 -3.70 0.62 12.62
C LYS A 224 -4.58 1.79 12.98
N GLY A 225 -5.73 1.52 13.59
CA GLY A 225 -6.64 2.56 13.98
C GLY A 225 -7.83 2.74 13.03
N ASP A 226 -7.69 2.26 11.81
CA ASP A 226 -8.76 2.37 10.82
C ASP A 226 -9.87 1.36 11.10
N TYR A 227 -11.08 1.68 10.65
CA TYR A 227 -12.21 0.80 10.82
C TYR A 227 -12.86 0.63 9.47
N ILE A 228 -13.31 -0.58 9.17
CA ILE A 228 -13.92 -0.81 7.87
C ILE A 228 -15.23 -1.57 7.96
N PHE A 229 -16.26 -1.03 7.33
CA PHE A 229 -17.56 -1.70 7.30
C PHE A 229 -17.78 -2.33 5.93
N MET A 230 -17.76 -3.65 5.89
CA MET A 230 -17.97 -4.40 4.65
C MET A 230 -19.42 -4.87 4.64
N GLY A 231 -20.25 -4.23 3.84
CA GLY A 231 -21.66 -4.59 3.78
C GLY A 231 -22.00 -5.94 3.17
N ALA A 232 -23.28 -6.29 3.23
CA ALA A 232 -23.76 -7.55 2.69
C ALA A 232 -23.67 -7.56 1.16
N TYR A 233 -23.09 -8.62 0.62
CA TYR A 233 -22.91 -8.79 -0.82
C TYR A 233 -21.83 -7.84 -1.32
N SER A 234 -20.64 -7.96 -0.77
CA SER A 234 -19.51 -7.13 -1.18
C SER A 234 -18.25 -7.99 -1.31
N LEU A 235 -17.28 -7.55 -2.11
CA LEU A 235 -16.03 -8.30 -2.26
C LEU A 235 -14.86 -7.58 -1.62
N GLN A 236 -14.19 -8.28 -0.71
CA GLN A 236 -13.05 -7.72 0.01
C GLN A 236 -11.72 -8.32 -0.45
N ALA A 237 -10.63 -7.68 -0.05
CA ALA A 237 -9.30 -8.14 -0.39
C ALA A 237 -8.27 -7.20 0.24
N GLY A 238 -7.19 -7.75 0.76
CA GLY A 238 -6.17 -6.92 1.38
C GLY A 238 -4.89 -7.71 1.57
N TYR A 239 -3.80 -7.01 1.89
CA TYR A 239 -2.53 -7.69 2.08
C TYR A 239 -1.60 -6.90 2.98
N GLY A 240 -0.76 -7.61 3.73
CA GLY A 240 0.18 -6.95 4.63
C GLY A 240 1.18 -6.11 3.86
N VAL A 241 1.92 -5.26 4.55
CA VAL A 241 2.88 -4.42 3.85
C VAL A 241 3.68 -3.55 4.81
N ALA A 246 3.43 -6.32 11.81
CA ALA A 246 2.51 -7.38 11.39
C ALA A 246 1.08 -6.84 11.20
N PHE A 247 0.58 -6.96 9.97
CA PHE A 247 -0.76 -6.48 9.62
C PHE A 247 -1.88 -7.35 10.20
N SER A 248 -2.52 -6.90 11.27
CA SER A 248 -3.61 -7.67 11.88
C SER A 248 -4.84 -6.84 12.22
N TYR A 249 -6.01 -7.44 12.00
CA TYR A 249 -7.27 -6.76 12.31
C TYR A 249 -8.31 -7.71 12.88
N ILE A 250 -9.18 -7.18 13.73
CA ILE A 250 -10.24 -7.97 14.34
C ILE A 250 -11.52 -7.65 13.60
N TYR A 251 -12.40 -8.64 13.46
CA TYR A 251 -13.65 -8.41 12.75
C TYR A 251 -14.77 -9.35 13.12
N SER A 252 -15.99 -8.82 13.08
CA SER A 252 -17.18 -9.57 13.40
C SER A 252 -17.74 -10.29 12.19
N LYS A 253 -18.70 -11.19 12.43
CA LYS A 253 -19.31 -11.99 11.39
C LYS A 253 -20.50 -12.73 12.00
N ASP A 254 -21.68 -12.53 11.46
CA ASP A 254 -22.86 -13.25 11.94
C ASP A 254 -22.84 -14.63 11.27
N CYS A 255 -23.40 -15.64 11.93
CA CYS A 255 -23.38 -16.98 11.37
C CYS A 255 -24.38 -17.93 12.01
N ASN A 256 -24.38 -19.16 11.50
CA ASN A 256 -25.25 -20.24 11.98
C ASN A 256 -26.75 -19.95 11.98
N ARG A 257 -27.22 -19.03 11.15
CA ARG A 257 -28.64 -18.76 11.15
C ARG A 257 -29.23 -18.67 9.75
N ASP A 258 -30.49 -19.07 9.62
CA ASP A 258 -31.18 -19.00 8.33
C ASP A 258 -31.62 -17.55 8.21
N VAL A 259 -32.13 -17.16 7.05
CA VAL A 259 -32.58 -15.80 6.91
C VAL A 259 -34.08 -15.79 7.02
N GLU A 260 -34.60 -15.08 8.01
CA GLU A 260 -36.04 -15.01 8.20
C GLU A 260 -36.64 -14.06 7.19
N ILE A 261 -37.88 -14.29 6.86
CA ILE A 261 -38.54 -13.43 5.90
C ILE A 261 -39.85 -12.94 6.51
N GLY B 9 -5.43 -16.23 0.13
CA GLY B 9 -4.93 -16.15 -1.28
C GLY B 9 -3.49 -15.68 -1.39
N TYR B 10 -2.85 -15.94 -2.53
CA TYR B 10 -1.46 -15.52 -2.76
C TYR B 10 -1.38 -14.03 -3.06
N ARG B 11 -0.60 -13.31 -2.25
CA ARG B 11 -0.41 -11.87 -2.38
C ARG B 11 -0.11 -11.49 -3.83
N GLU B 12 0.66 -12.33 -4.52
CA GLU B 12 1.03 -12.11 -5.92
C GLU B 12 -0.19 -12.06 -6.85
N ASP B 13 -1.11 -13.01 -6.68
CA ASP B 13 -2.31 -13.08 -7.50
C ASP B 13 -3.16 -11.84 -7.25
N LEU B 14 -3.05 -11.29 -6.04
CA LEU B 14 -3.77 -10.09 -5.66
C LEU B 14 -3.29 -8.92 -6.51
N LEU B 15 -1.97 -8.79 -6.61
CA LEU B 15 -1.35 -7.71 -7.36
C LEU B 15 -1.33 -7.96 -8.87
N ALA B 16 -1.95 -9.05 -9.32
CA ALA B 16 -1.99 -9.38 -10.74
C ALA B 16 -2.96 -8.48 -11.49
N ASN B 17 -2.53 -7.98 -12.65
CA ASN B 17 -3.33 -7.10 -13.50
C ASN B 17 -3.51 -5.70 -12.94
N ARG B 18 -2.48 -4.87 -13.02
CA ARG B 18 -2.57 -3.51 -12.53
C ARG B 18 -2.31 -2.48 -13.65
N ALA B 19 -1.84 -2.99 -14.79
CA ALA B 19 -1.54 -2.16 -15.96
C ALA B 19 -2.71 -1.28 -16.37
N ILE B 20 -2.67 -0.01 -15.95
CA ILE B 20 -3.72 0.94 -16.27
C ILE B 20 -3.16 2.08 -17.12
N VAL B 21 -4.03 2.70 -17.91
CA VAL B 21 -3.61 3.79 -18.78
C VAL B 21 -4.61 4.96 -18.80
N LYS B 22 -4.08 6.18 -18.93
CA LYS B 22 -4.87 7.40 -18.98
C LYS B 22 -4.20 8.41 -19.92
N HIS B 23 -3.72 7.91 -21.06
CA HIS B 23 -3.06 8.69 -22.10
C HIS B 23 -2.91 10.19 -21.83
N GLY B 24 -1.67 10.66 -21.83
CA GLY B 24 -1.41 12.07 -21.59
C GLY B 24 -1.42 12.41 -20.10
N ASN B 25 -2.03 11.56 -19.30
CA ASN B 25 -2.09 11.79 -17.87
C ASN B 25 -1.13 10.88 -17.15
N PHE B 26 -1.37 9.57 -17.26
CA PHE B 26 -0.48 8.63 -16.61
C PHE B 26 -0.73 7.22 -17.12
N ALA B 27 0.18 6.32 -16.81
CA ALA B 27 0.04 4.93 -17.21
C ALA B 27 0.90 4.10 -16.29
N LEU B 28 0.35 2.98 -15.83
CA LEU B 28 1.10 2.07 -14.97
C LEU B 28 1.33 0.86 -15.87
N LEU B 29 2.59 0.53 -16.12
CA LEU B 29 2.95 -0.60 -16.97
C LEU B 29 3.74 -1.59 -16.16
N THR B 30 3.56 -2.87 -16.48
CA THR B 30 4.27 -3.94 -15.81
C THR B 30 5.02 -4.72 -16.88
N PRO B 31 6.16 -4.18 -17.36
CA PRO B 31 7.02 -4.77 -18.40
C PRO B 31 7.06 -6.30 -18.45
N ASP B 32 6.78 -6.92 -17.32
CA ASP B 32 6.75 -8.37 -17.23
C ASP B 32 5.61 -8.82 -18.15
N GLY B 33 4.40 -8.41 -17.78
CA GLY B 33 3.22 -8.77 -18.57
C GLY B 33 3.16 -7.99 -19.87
N LEU B 34 4.26 -7.98 -20.61
CA LEU B 34 4.30 -7.28 -21.89
C LEU B 34 5.04 -8.10 -22.92
N VAL B 35 4.61 -7.97 -24.18
CA VAL B 35 5.23 -8.69 -25.26
C VAL B 35 6.56 -7.99 -25.53
N LYS B 36 7.57 -8.77 -25.88
CA LYS B 36 8.87 -8.19 -26.15
C LYS B 36 8.91 -7.49 -27.52
N ASN B 37 9.80 -6.51 -27.65
CA ASN B 37 9.93 -5.75 -28.88
C ASN B 37 11.17 -6.18 -29.63
N ILE B 38 11.02 -6.45 -30.93
CA ILE B 38 12.17 -6.83 -31.73
C ILE B 38 12.71 -5.54 -32.29
N ILE B 39 13.84 -5.08 -31.76
CA ILE B 39 14.40 -3.82 -32.25
C ILE B 39 15.72 -4.07 -32.95
N PRO B 40 15.81 -3.69 -34.23
CA PRO B 40 17.07 -3.91 -34.95
C PRO B 40 18.27 -3.35 -34.18
N GLY B 41 19.35 -4.15 -34.13
CA GLY B 41 20.54 -3.72 -33.42
C GLY B 41 20.65 -4.40 -32.07
N PHE B 42 19.53 -4.85 -31.53
CA PHE B 42 19.57 -5.51 -30.25
C PHE B 42 19.66 -7.02 -30.47
N GLU B 43 20.77 -7.61 -30.01
CA GLU B 43 21.01 -9.05 -30.14
C GLU B 43 21.04 -9.76 -28.81
N ASN B 44 20.57 -10.99 -28.81
CA ASN B 44 20.56 -11.82 -27.60
C ASN B 44 20.11 -11.13 -26.32
N CYS B 45 18.93 -10.51 -26.37
CA CYS B 45 18.35 -9.81 -25.23
C CYS B 45 16.88 -9.51 -25.48
N ASP B 46 16.11 -9.40 -24.39
CA ASP B 46 14.70 -9.07 -24.51
C ASP B 46 14.50 -7.56 -24.30
N ALA B 47 14.06 -6.87 -25.35
CA ALA B 47 13.85 -5.43 -25.22
C ALA B 47 12.36 -5.14 -25.17
N THR B 48 11.99 -4.29 -24.21
CA THR B 48 10.62 -3.93 -24.06
C THR B 48 10.47 -2.41 -23.94
N ILE B 49 9.92 -1.82 -25.00
CA ILE B 49 9.68 -0.40 -25.08
C ILE B 49 8.62 0.02 -24.05
N LEU B 50 8.85 1.15 -23.39
CA LEU B 50 7.92 1.67 -22.38
C LEU B 50 7.24 2.94 -22.85
N SER B 51 7.71 4.10 -22.40
CA SER B 51 7.07 5.33 -22.84
C SER B 51 7.44 5.65 -24.28
N THR B 52 6.52 6.28 -25.01
CA THR B 52 6.73 6.67 -26.41
C THR B 52 5.82 7.87 -26.66
N PRO B 53 6.05 8.61 -27.74
CA PRO B 53 5.19 9.78 -28.01
C PRO B 53 3.73 9.39 -28.14
N LYS B 54 3.48 8.17 -28.63
CA LYS B 54 2.13 7.70 -28.80
C LYS B 54 1.43 7.60 -27.45
N LEU B 55 2.20 7.67 -26.38
CA LEU B 55 1.66 7.61 -25.04
C LEU B 55 1.61 9.03 -24.52
N GLY B 56 2.21 9.96 -25.28
CA GLY B 56 2.23 11.35 -24.89
C GLY B 56 3.61 11.85 -24.48
N ALA B 57 4.51 10.92 -24.20
CA ALA B 57 5.86 11.29 -23.77
C ALA B 57 6.63 11.96 -24.89
N SER B 58 7.61 12.76 -24.51
CA SER B 58 8.46 13.44 -25.48
C SER B 58 9.81 12.75 -25.46
N PHE B 59 9.78 11.45 -25.18
CA PHE B 59 10.98 10.62 -25.11
C PHE B 59 10.55 9.20 -25.30
N VAL B 60 11.52 8.30 -25.42
CA VAL B 60 11.23 6.89 -25.55
C VAL B 60 12.18 6.22 -24.58
N ASP B 61 11.67 5.36 -23.72
CA ASP B 61 12.56 4.69 -22.79
C ASP B 61 12.34 3.18 -22.87
N TYR B 62 13.34 2.42 -22.42
CA TYR B 62 13.26 0.96 -22.51
C TYR B 62 13.75 0.22 -21.28
N LEU B 63 13.37 -1.04 -21.24
CA LEU B 63 13.81 -1.94 -20.19
C LEU B 63 14.39 -3.06 -21.04
N VAL B 64 15.65 -3.39 -20.81
CA VAL B 64 16.27 -4.44 -21.59
C VAL B 64 17.05 -5.44 -20.76
N THR B 65 16.69 -6.72 -20.83
CA THR B 65 17.46 -7.70 -20.09
C THR B 65 18.43 -8.33 -21.11
N LEU B 66 19.71 -8.24 -20.79
CA LEU B 66 20.76 -8.75 -21.65
C LEU B 66 21.14 -10.18 -21.34
N HIS B 67 21.06 -11.04 -22.35
CA HIS B 67 21.46 -12.41 -22.15
C HIS B 67 22.95 -12.47 -22.49
N GLN B 68 23.53 -13.66 -22.58
CA GLN B 68 24.94 -13.75 -22.89
C GLN B 68 25.21 -13.09 -24.23
N ASN B 69 26.08 -12.09 -24.21
CA ASN B 69 26.46 -11.34 -25.41
C ASN B 69 25.32 -10.45 -25.88
N GLY B 70 24.34 -10.25 -25.02
CA GLY B 70 23.20 -9.42 -25.37
C GLY B 70 23.58 -7.96 -25.22
N GLY B 71 23.11 -7.14 -26.14
CA GLY B 71 23.42 -5.73 -26.09
C GLY B 71 23.22 -5.15 -27.46
N ASN B 72 23.87 -4.02 -27.72
CA ASN B 72 23.75 -3.39 -29.02
C ASN B 72 25.13 -2.93 -29.41
N GLN B 73 25.68 -3.59 -30.43
CA GLN B 73 27.01 -3.30 -30.93
C GLN B 73 26.92 -2.36 -32.12
N GLN B 74 25.70 -2.09 -32.56
CA GLN B 74 25.50 -1.23 -33.71
C GLN B 74 25.56 0.26 -33.38
N GLY B 75 25.22 0.62 -32.15
CA GLY B 75 25.23 2.02 -31.79
C GLY B 75 23.80 2.46 -31.55
N PHE B 76 23.49 2.79 -30.30
CA PHE B 76 22.15 3.19 -29.89
C PHE B 76 21.69 4.59 -30.25
N GLY B 77 22.49 5.60 -29.93
CA GLY B 77 22.06 6.97 -30.23
C GLY B 77 21.40 7.36 -31.55
N GLY B 78 21.85 8.50 -32.10
CA GLY B 78 21.33 9.02 -33.35
C GLY B 78 21.58 10.52 -33.41
N GLU B 79 21.54 11.11 -34.60
CA GLU B 79 21.76 12.56 -34.74
C GLU B 79 20.75 13.40 -33.97
N GLY B 80 21.25 14.36 -33.19
CA GLY B 80 20.38 15.22 -32.40
C GLY B 80 19.66 14.48 -31.30
N ILE B 81 20.07 13.25 -31.04
CA ILE B 81 19.45 12.42 -30.02
C ILE B 81 20.39 12.15 -28.85
N GLU B 82 19.95 12.45 -27.63
CA GLU B 82 20.77 12.20 -26.43
C GLU B 82 20.25 10.93 -25.78
N THR B 83 21.13 10.16 -25.15
CA THR B 83 20.70 8.90 -24.53
C THR B 83 21.24 8.74 -23.15
N PHE B 84 20.64 7.82 -22.40
CA PHE B 84 21.01 7.53 -21.03
C PHE B 84 20.79 6.07 -20.71
N LEU B 85 21.77 5.44 -20.09
CA LEU B 85 21.70 4.04 -19.74
C LEU B 85 21.94 3.84 -18.25
N TYR B 86 21.19 2.93 -17.64
CA TYR B 86 21.35 2.66 -16.22
C TYR B 86 21.33 1.15 -15.96
N VAL B 87 22.39 0.65 -15.35
CA VAL B 87 22.47 -0.76 -15.04
C VAL B 87 21.64 -1.09 -13.83
N ILE B 88 20.51 -1.73 -14.07
CA ILE B 88 19.61 -2.11 -12.99
C ILE B 88 20.28 -3.23 -12.17
N SER B 89 21.02 -4.10 -12.84
CA SER B 89 21.70 -5.20 -12.17
C SER B 89 22.64 -5.93 -13.13
N GLY B 90 23.67 -6.56 -12.58
CA GLY B 90 24.61 -7.27 -13.43
C GLY B 90 25.81 -6.42 -13.79
N ASN B 91 26.44 -6.77 -14.91
CA ASN B 91 27.61 -6.04 -15.36
C ASN B 91 27.65 -6.01 -16.86
N ILE B 92 27.86 -4.81 -17.39
CA ILE B 92 27.91 -4.64 -18.83
C ILE B 92 29.16 -3.84 -19.19
N THR B 93 29.36 -3.70 -20.49
CA THR B 93 30.50 -2.96 -21.01
C THR B 93 29.93 -2.01 -22.05
N ALA B 94 29.94 -0.73 -21.71
CA ALA B 94 29.41 0.28 -22.61
C ALA B 94 30.55 0.97 -23.32
N LYS B 95 30.24 1.55 -24.48
CA LYS B 95 31.25 2.24 -25.25
C LYS B 95 30.64 3.45 -25.94
N ALA B 96 31.35 4.57 -25.85
CA ALA B 96 30.93 5.81 -26.49
C ALA B 96 32.09 6.79 -26.52
N GLU B 97 32.06 7.69 -27.50
CA GLU B 97 33.11 8.70 -27.67
C GLU B 97 34.50 8.10 -27.48
N GLY B 98 34.75 6.96 -28.12
CA GLY B 98 36.04 6.31 -28.04
C GLY B 98 36.45 5.72 -26.70
N LYS B 99 35.64 5.89 -25.66
CA LYS B 99 36.02 5.35 -24.36
C LYS B 99 35.28 4.05 -24.07
N THR B 100 35.63 3.42 -22.96
CA THR B 100 34.99 2.17 -22.55
C THR B 100 34.63 2.27 -21.08
N PHE B 101 33.49 1.72 -20.69
CA PHE B 101 33.06 1.78 -19.30
C PHE B 101 32.59 0.43 -18.82
N ALA B 102 33.10 0.01 -17.68
CA ALA B 102 32.72 -1.28 -17.09
C ALA B 102 31.68 -0.92 -16.06
N LEU B 103 30.42 -1.05 -16.45
CA LEU B 103 29.33 -0.71 -15.55
C LEU B 103 28.78 -1.87 -14.77
N SER B 104 28.67 -1.68 -13.46
CA SER B 104 28.12 -2.69 -12.57
C SER B 104 26.80 -2.11 -12.09
N GLU B 105 26.12 -2.80 -11.18
CA GLU B 105 24.84 -2.28 -10.71
C GLU B 105 24.98 -0.82 -10.32
N GLY B 106 24.00 -0.02 -10.67
CA GLY B 106 24.03 1.40 -10.35
C GLY B 106 24.90 2.19 -11.32
N GLY B 107 25.63 1.49 -12.18
CA GLY B 107 26.47 2.20 -13.14
C GLY B 107 25.57 2.87 -14.17
N TYR B 108 25.96 4.07 -14.61
CA TYR B 108 25.20 4.79 -15.60
C TYR B 108 26.07 5.47 -16.63
N LEU B 109 25.47 5.77 -17.78
CA LEU B 109 26.16 6.43 -18.87
C LEU B 109 25.24 7.33 -19.66
N TYR B 110 25.60 8.61 -19.75
CA TYR B 110 24.85 9.59 -20.53
C TYR B 110 25.68 9.98 -21.75
N CYS B 111 25.01 10.12 -22.89
CA CYS B 111 25.69 10.51 -24.12
C CYS B 111 25.04 11.71 -24.75
N PRO B 112 25.81 12.76 -25.01
CA PRO B 112 25.24 13.95 -25.64
C PRO B 112 24.79 13.55 -27.04
N PRO B 113 24.06 14.44 -27.73
CA PRO B 113 23.57 14.18 -29.10
C PRO B 113 24.67 13.75 -30.04
N GLY B 114 24.38 12.76 -30.87
CA GLY B 114 25.35 12.29 -31.84
C GLY B 114 26.29 11.18 -31.41
N SER B 115 26.71 11.20 -30.15
CA SER B 115 27.63 10.17 -29.68
C SER B 115 26.97 8.82 -29.47
N LEU B 116 26.89 8.05 -30.54
CA LEU B 116 26.30 6.72 -30.46
C LEU B 116 26.88 5.96 -29.29
N MET B 117 26.07 5.08 -28.72
CA MET B 117 26.45 4.28 -27.57
C MET B 117 26.31 2.81 -27.94
N THR B 118 27.22 1.97 -27.44
CA THR B 118 27.13 0.53 -27.69
C THR B 118 27.33 -0.08 -26.33
N PHE B 119 26.76 -1.28 -26.14
CA PHE B 119 26.88 -1.92 -24.86
C PHE B 119 26.59 -3.40 -25.02
N VAL B 120 27.22 -4.20 -24.16
CA VAL B 120 27.05 -5.63 -24.19
C VAL B 120 27.19 -6.17 -22.81
N ASN B 121 26.50 -7.29 -22.59
CA ASN B 121 26.55 -7.95 -21.32
C ASN B 121 28.00 -8.31 -21.09
N ALA B 122 28.49 -8.08 -19.88
CA ALA B 122 29.88 -8.39 -19.59
C ALA B 122 30.01 -9.63 -18.72
N GLN B 123 28.88 -10.25 -18.38
CA GLN B 123 28.93 -11.43 -17.54
C GLN B 123 28.18 -12.62 -18.15
N ALA B 124 28.23 -13.76 -17.47
CA ALA B 124 27.57 -14.96 -17.95
C ALA B 124 26.06 -14.89 -17.77
N GLU B 125 25.64 -14.52 -16.57
CA GLU B 125 24.23 -14.41 -16.24
C GLU B 125 23.65 -13.16 -16.90
N ASP B 126 22.33 -13.06 -16.93
CA ASP B 126 21.68 -11.91 -17.53
C ASP B 126 21.95 -10.61 -16.79
N SER B 127 22.20 -9.56 -17.55
CA SER B 127 22.42 -8.22 -16.98
C SER B 127 21.22 -7.41 -17.46
N GLN B 128 20.58 -6.71 -16.54
CA GLN B 128 19.41 -5.91 -16.89
C GLN B 128 19.72 -4.42 -16.99
N ILE B 129 19.20 -3.80 -18.05
CA ILE B 129 19.45 -2.39 -18.30
C ILE B 129 18.18 -1.53 -18.50
N PHE B 130 18.31 -0.23 -18.19
CA PHE B 130 17.21 0.73 -18.37
C PHE B 130 17.72 1.74 -19.37
N LEU B 131 17.00 1.91 -20.48
CA LEU B 131 17.42 2.83 -21.54
C LEU B 131 16.47 3.98 -21.74
N TYR B 132 17.03 5.09 -22.22
CA TYR B 132 16.24 6.29 -22.41
C TYR B 132 16.85 7.17 -23.48
N LYS B 133 15.98 7.76 -24.30
CA LYS B 133 16.45 8.65 -25.36
C LYS B 133 15.41 9.73 -25.61
N ARG B 134 15.88 10.88 -26.06
CA ARG B 134 15.00 12.01 -26.38
C ARG B 134 15.73 12.90 -27.37
N ARG B 135 14.98 13.79 -28.02
CA ARG B 135 15.59 14.70 -28.98
C ARG B 135 16.09 15.92 -28.20
N TYR B 136 17.41 16.08 -28.20
CA TYR B 136 18.04 17.17 -27.48
C TYR B 136 17.69 18.59 -27.99
N VAL B 137 17.54 19.53 -27.06
CA VAL B 137 17.23 20.90 -27.44
C VAL B 137 18.39 21.85 -27.13
N PRO B 138 19.09 22.27 -28.19
CA PRO B 138 20.23 23.18 -28.06
C PRO B 138 19.83 24.58 -27.68
N VAL B 139 20.74 25.27 -27.00
CA VAL B 139 20.53 26.64 -26.58
C VAL B 139 21.83 27.39 -26.87
N GLU B 140 21.73 28.66 -27.24
CA GLU B 140 22.90 29.48 -27.55
C GLU B 140 23.92 29.51 -26.42
N GLY B 141 25.16 29.19 -26.75
CA GLY B 141 26.23 29.23 -25.77
C GLY B 141 26.31 28.10 -24.76
N TYR B 142 25.81 26.93 -25.14
CA TYR B 142 25.86 25.78 -24.26
C TYR B 142 25.85 24.47 -25.02
N ALA B 143 26.27 23.41 -24.34
CA ALA B 143 26.32 22.08 -24.93
C ALA B 143 26.55 21.07 -23.81
N PRO B 144 25.91 19.91 -23.89
CA PRO B 144 26.05 18.87 -22.88
C PRO B 144 27.29 18.04 -23.16
N TRP B 145 27.54 17.02 -22.34
CA TRP B 145 28.70 16.18 -22.53
C TRP B 145 28.57 14.82 -21.86
N LEU B 146 29.34 13.87 -22.35
CA LEU B 146 29.34 12.52 -21.83
C LEU B 146 29.52 12.53 -20.31
N VAL B 147 28.69 11.77 -19.62
CA VAL B 147 28.79 11.63 -18.18
C VAL B 147 28.61 10.17 -17.84
N SER B 148 29.45 9.64 -16.96
CA SER B 148 29.35 8.24 -16.58
C SER B 148 29.84 8.01 -15.14
N GLY B 149 29.29 7.00 -14.48
CA GLY B 149 29.69 6.73 -13.11
C GLY B 149 28.80 5.70 -12.47
N ASN B 150 28.77 5.68 -11.13
CA ASN B 150 27.89 4.73 -10.45
C ASN B 150 27.06 5.51 -9.45
N ALA B 151 25.84 5.04 -9.20
CA ALA B 151 24.97 5.75 -8.26
C ALA B 151 25.67 5.83 -6.93
N SER B 152 26.35 4.74 -6.57
CA SER B 152 27.07 4.67 -5.31
C SER B 152 27.89 5.95 -5.06
N GLU B 153 28.66 6.36 -6.06
CA GLU B 153 29.51 7.55 -5.95
C GLU B 153 28.77 8.88 -6.12
N LEU B 154 27.44 8.87 -6.06
CA LEU B 154 26.68 10.11 -6.21
C LEU B 154 26.38 10.76 -4.88
N GLU B 155 26.15 12.07 -4.90
CA GLU B 155 25.82 12.80 -3.68
C GLU B 155 24.65 12.08 -3.06
N ARG B 156 24.30 12.44 -1.82
CA ARG B 156 23.21 11.75 -1.14
C ARG B 156 22.16 12.74 -0.62
N ILE B 157 21.90 13.79 -1.38
CA ILE B 157 20.93 14.82 -0.99
C ILE B 157 19.77 14.22 -0.20
N VAL B 165 14.86 8.72 2.75
CA VAL B 165 14.23 9.79 1.96
C VAL B 165 15.29 10.59 1.17
N ILE B 166 16.26 9.89 0.62
CA ILE B 166 17.32 10.52 -0.16
C ILE B 166 17.04 10.75 -1.65
N LEU B 167 17.72 11.72 -2.24
CA LEU B 167 17.58 12.05 -3.66
C LEU B 167 18.92 12.06 -4.36
N LEU B 168 18.94 11.56 -5.60
CA LEU B 168 20.17 11.52 -6.36
C LEU B 168 20.00 12.25 -7.69
N ASP B 169 21.02 13.01 -8.05
CA ASP B 169 21.02 13.73 -9.33
C ASP B 169 22.13 13.10 -10.17
N PHE B 170 21.74 12.51 -11.29
CA PHE B 170 22.67 11.84 -12.17
C PHE B 170 23.48 12.70 -13.12
N LEU B 171 22.92 13.84 -13.51
CA LEU B 171 23.58 14.70 -14.48
C LEU B 171 23.85 16.10 -13.97
N PRO B 172 24.71 16.83 -14.68
CA PRO B 172 25.06 18.20 -14.28
C PRO B 172 23.82 19.08 -14.43
N LYS B 173 23.71 20.13 -13.62
CA LYS B 173 22.57 21.02 -13.68
C LYS B 173 22.73 22.12 -14.74
N GLU B 174 23.94 22.30 -15.25
CA GLU B 174 24.21 23.35 -16.25
C GLU B 174 23.26 23.33 -17.46
N LEU B 175 22.94 24.52 -17.95
CA LEU B 175 22.05 24.68 -19.09
C LEU B 175 22.50 23.85 -20.28
N GLY B 176 23.75 23.40 -20.24
CA GLY B 176 24.23 22.59 -21.34
C GLY B 176 23.32 21.37 -21.44
N PHE B 177 22.82 20.96 -20.27
CA PHE B 177 21.92 19.81 -20.19
C PHE B 177 20.46 20.26 -20.20
N ASP B 178 19.64 19.53 -20.95
CA ASP B 178 18.22 19.85 -21.05
C ASP B 178 17.38 18.75 -20.39
N MET B 179 18.02 17.95 -19.54
CA MET B 179 17.31 16.88 -18.85
C MET B 179 18.12 16.41 -17.66
N ASN B 180 17.56 15.46 -16.93
CA ASN B 180 18.26 14.89 -15.79
C ASN B 180 17.56 13.61 -15.36
N MET B 181 18.31 12.70 -14.75
CA MET B 181 17.77 11.45 -14.26
C MET B 181 17.94 11.48 -12.75
N HIS B 182 16.94 10.99 -12.02
CA HIS B 182 17.03 10.98 -10.57
C HIS B 182 16.61 9.63 -10.01
N ILE B 183 17.05 9.34 -8.79
CA ILE B 183 16.69 8.12 -8.10
C ILE B 183 16.22 8.55 -6.72
N LEU B 184 15.03 8.11 -6.33
CA LEU B 184 14.47 8.42 -5.01
C LEU B 184 14.44 7.13 -4.19
N SER B 185 14.89 7.20 -2.95
CA SER B 185 14.92 6.03 -2.07
C SER B 185 14.18 6.33 -0.77
N PHE B 186 13.46 5.33 -0.26
CA PHE B 186 12.71 5.45 1.00
C PHE B 186 12.97 4.25 1.90
N ALA B 187 13.69 4.48 2.99
CA ALA B 187 13.99 3.41 3.93
C ALA B 187 12.67 2.95 4.53
N PRO B 188 12.61 1.69 4.99
CA PRO B 188 11.38 1.15 5.58
C PRO B 188 10.70 2.04 6.62
N GLY B 189 11.35 2.23 7.77
CA GLY B 189 10.76 3.05 8.82
C GLY B 189 10.54 4.51 8.48
N ALA B 190 10.63 4.83 7.19
CA ALA B 190 10.46 6.20 6.72
C ALA B 190 9.13 6.84 7.12
N SER B 191 9.17 8.16 7.32
CA SER B 191 7.97 8.90 7.70
C SER B 191 7.71 9.97 6.63
N HIS B 192 8.47 9.89 5.54
CA HIS B 192 8.33 10.81 4.43
C HIS B 192 7.78 10.09 3.20
N GLY B 193 7.18 10.85 2.31
CA GLY B 193 6.62 10.28 1.09
C GLY B 193 6.85 11.21 -0.08
N TYR B 194 6.64 10.71 -1.29
CA TYR B 194 6.84 11.52 -2.49
C TYR B 194 5.53 12.16 -2.95
N ILE B 195 5.63 13.40 -3.45
CA ILE B 195 4.49 14.15 -3.96
C ILE B 195 5.03 15.23 -4.91
N GLU B 196 4.22 15.64 -5.88
CA GLU B 196 4.65 16.67 -6.83
C GLU B 196 3.62 16.94 -7.93
N THR B 197 3.67 18.16 -8.47
CA THR B 197 2.80 18.60 -9.56
C THR B 197 3.77 19.17 -10.58
N HIS B 198 3.50 19.00 -11.86
CA HIS B 198 4.47 19.46 -12.84
C HIS B 198 4.02 19.56 -14.29
N VAL B 199 4.60 20.50 -15.01
CA VAL B 199 4.35 20.70 -16.43
C VAL B 199 5.20 19.64 -17.16
N GLN B 200 6.30 19.24 -16.52
CA GLN B 200 7.20 18.27 -17.11
C GLN B 200 6.77 16.82 -16.85
N GLU B 201 6.92 15.99 -17.87
CA GLU B 201 6.59 14.57 -17.80
C GLU B 201 7.61 13.88 -16.90
N HIS B 202 7.35 12.61 -16.62
CA HIS B 202 8.25 11.81 -15.82
C HIS B 202 8.08 10.37 -16.27
N GLY B 203 9.16 9.61 -16.18
CA GLY B 203 9.11 8.21 -16.54
C GLY B 203 9.82 7.52 -15.39
N ALA B 204 9.09 6.77 -14.59
CA ALA B 204 9.74 6.13 -13.47
C ALA B 204 9.68 4.61 -13.52
N TYR B 205 10.80 3.99 -13.17
CA TYR B 205 10.92 2.54 -13.13
C TYR B 205 11.26 2.22 -11.69
N ILE B 206 10.42 1.44 -11.03
CA ILE B 206 10.63 1.08 -9.64
C ILE B 206 11.79 0.10 -9.53
N LEU B 207 12.89 0.59 -8.95
CA LEU B 207 14.11 -0.20 -8.80
C LEU B 207 14.07 -1.26 -7.71
N SER B 208 13.40 -0.95 -6.61
CA SER B 208 13.33 -1.91 -5.52
C SER B 208 12.29 -1.54 -4.49
N GLY B 209 12.02 -2.50 -3.61
CA GLY B 209 11.07 -2.27 -2.56
C GLY B 209 9.64 -2.38 -3.03
N GLN B 210 8.75 -1.73 -2.29
CA GLN B 210 7.34 -1.76 -2.60
C GLN B 210 6.74 -0.55 -1.93
N GLY B 211 5.81 0.09 -2.61
CA GLY B 211 5.17 1.26 -2.03
C GLY B 211 3.81 1.45 -2.63
N VAL B 212 3.22 2.61 -2.36
CA VAL B 212 1.90 2.92 -2.89
C VAL B 212 1.95 4.31 -3.50
N TYR B 213 1.46 4.41 -4.73
CA TYR B 213 1.43 5.66 -5.45
C TYR B 213 0.01 6.19 -5.53
N ASN B 214 -0.11 7.49 -5.74
CA ASN B 214 -1.39 8.14 -5.87
C ASN B 214 -1.34 8.98 -7.14
N LEU B 215 -1.68 8.36 -8.27
CA LEU B 215 -1.66 9.03 -9.55
C LEU B 215 -2.86 9.95 -9.72
N ASP B 216 -3.88 9.49 -10.44
CA ASP B 216 -5.07 10.30 -10.66
C ASP B 216 -6.05 10.09 -9.51
N ASN B 217 -5.62 10.52 -8.33
CA ASN B 217 -6.41 10.43 -7.12
C ASN B 217 -6.72 9.02 -6.67
N ASN B 218 -6.11 8.03 -7.31
CA ASN B 218 -6.36 6.65 -6.92
C ASN B 218 -5.09 5.96 -6.49
N TRP B 219 -5.17 5.25 -5.37
CA TRP B 219 -4.02 4.56 -4.86
C TRP B 219 -3.76 3.29 -5.64
N ILE B 220 -2.51 3.07 -5.99
CA ILE B 220 -2.14 1.90 -6.75
C ILE B 220 -0.90 1.26 -6.16
N PRO B 221 -1.01 0.03 -5.69
CA PRO B 221 0.22 -0.55 -5.14
C PRO B 221 1.26 -0.60 -6.25
N VAL B 222 2.48 -0.20 -5.92
CA VAL B 222 3.55 -0.17 -6.89
C VAL B 222 4.68 -1.02 -6.36
N LYS B 223 5.46 -1.62 -7.25
CA LYS B 223 6.55 -2.46 -6.80
C LYS B 223 7.66 -2.63 -7.80
N LYS B 224 8.77 -3.15 -7.30
CA LYS B 224 9.95 -3.41 -8.11
C LYS B 224 9.54 -4.00 -9.44
N GLY B 225 10.01 -3.41 -10.53
CA GLY B 225 9.68 -3.91 -11.85
C GLY B 225 8.60 -3.11 -12.56
N ASP B 226 7.82 -2.36 -11.80
CA ASP B 226 6.77 -1.54 -12.38
C ASP B 226 7.34 -0.30 -13.04
N TYR B 227 6.60 0.25 -14.00
CA TYR B 227 7.02 1.46 -14.68
C TYR B 227 5.84 2.41 -14.65
N ILE B 228 6.12 3.69 -14.48
CA ILE B 228 5.04 4.66 -14.42
C ILE B 228 5.30 5.90 -15.27
N PHE B 229 4.32 6.24 -16.09
CA PHE B 229 4.43 7.43 -16.93
C PHE B 229 3.53 8.51 -16.36
N MET B 230 4.16 9.57 -15.83
CA MET B 230 3.45 10.70 -15.26
C MET B 230 3.47 11.81 -16.31
N GLY B 231 2.33 12.03 -16.94
CA GLY B 231 2.26 13.05 -17.98
C GLY B 231 2.36 14.50 -17.53
N ALA B 232 2.40 15.40 -18.50
CA ALA B 232 2.50 16.83 -18.21
C ALA B 232 1.21 17.34 -17.57
N TYR B 233 1.38 18.07 -16.46
CA TYR B 233 0.26 18.63 -15.71
C TYR B 233 -0.47 17.53 -14.96
N SER B 234 0.24 16.81 -14.11
CA SER B 234 -0.35 15.74 -13.32
C SER B 234 0.17 15.80 -11.88
N LEU B 235 -0.59 15.26 -10.92
CA LEU B 235 -0.16 15.26 -9.52
C LEU B 235 0.21 13.87 -9.03
N GLN B 236 1.45 13.73 -8.56
CA GLN B 236 1.96 12.45 -8.09
C GLN B 236 2.07 12.41 -6.57
N ALA B 237 2.26 11.20 -6.05
CA ALA B 237 2.41 11.00 -4.63
C ALA B 237 2.63 9.51 -4.35
N GLY B 238 3.51 9.21 -3.40
CA GLY B 238 3.78 7.82 -3.08
C GLY B 238 4.57 7.69 -1.79
N TYR B 239 4.71 6.45 -1.30
CA TYR B 239 5.47 6.20 -0.08
C TYR B 239 5.96 4.75 -0.07
N GLY B 240 7.10 4.53 0.58
CA GLY B 240 7.65 3.19 0.66
C GLY B 240 6.90 2.35 1.68
N VAL B 241 7.01 1.03 1.57
CA VAL B 241 6.30 0.17 2.52
C VAL B 241 6.55 -1.30 2.20
N ALA B 246 13.98 -1.37 0.74
CA ALA B 246 13.99 0.06 0.48
C ALA B 246 13.22 0.40 -0.81
N PHE B 247 12.26 1.32 -0.71
CA PHE B 247 11.46 1.71 -1.86
C PHE B 247 12.13 2.78 -2.72
N SER B 248 12.80 2.34 -3.79
CA SER B 248 13.50 3.27 -4.65
C SER B 248 13.19 3.13 -6.13
N TYR B 249 13.12 4.27 -6.82
CA TYR B 249 12.87 4.28 -8.25
C TYR B 249 13.65 5.37 -8.99
N ILE B 250 13.99 5.07 -10.23
CA ILE B 250 14.75 5.99 -11.06
C ILE B 250 13.76 6.68 -12.00
N TYR B 251 14.00 7.94 -12.29
CA TYR B 251 13.08 8.65 -13.19
C TYR B 251 13.70 9.84 -13.93
N SER B 252 13.21 10.04 -15.15
CA SER B 252 13.69 11.11 -16.00
C SER B 252 12.94 12.40 -15.73
N LYS B 253 13.45 13.49 -16.29
CA LYS B 253 12.88 14.81 -16.12
C LYS B 253 13.57 15.78 -17.07
N ASP B 254 12.83 16.43 -17.95
CA ASP B 254 13.42 17.41 -18.87
C ASP B 254 13.55 18.71 -18.08
N CYS B 255 14.52 19.55 -18.43
CA CYS B 255 14.71 20.79 -17.70
C CYS B 255 15.59 21.81 -18.42
N ASN B 256 15.77 22.95 -17.76
CA ASN B 256 16.59 24.05 -18.27
C ASN B 256 16.22 24.59 -19.65
N ARG B 257 15.00 24.40 -20.09
CA ARG B 257 14.62 24.91 -21.40
C ARG B 257 13.29 25.67 -21.41
N ASP B 258 13.19 26.67 -22.26
CA ASP B 258 11.97 27.45 -22.40
C ASP B 258 11.08 26.60 -23.29
N VAL B 259 9.82 26.95 -23.41
CA VAL B 259 8.95 26.17 -24.27
C VAL B 259 8.82 26.90 -25.58
N GLU B 260 9.22 26.24 -26.66
CA GLU B 260 9.14 26.84 -27.99
C GLU B 260 7.71 26.81 -28.48
N ILE B 261 7.36 27.80 -29.27
CA ILE B 261 6.02 27.91 -29.81
C ILE B 261 6.10 27.83 -31.32
#